data_9R76
#
_entry.id   9R76
#
_cell.length_a   52.020
_cell.length_b   109.430
_cell.length_c   53.720
_cell.angle_alpha   90.00
_cell.angle_beta   93.94
_cell.angle_gamma   90.00
#
_symmetry.space_group_name_H-M   'P 1 21 1'
#
loop_
_entity.id
_entity.type
_entity.pdbx_description
1 polymer '6-phosphogluconate dehydrogenase NAD-binding protein'
2 non-polymer 'NADP NICOTINAMIDE-ADENINE-DINUCLEOTIDE PHOSPHATE'
3 non-polymer 'SULFATE ION'
4 water water
#
_entity_poly.entity_id   1
_entity_poly.type   'polypeptide(L)'
_entity_poly.pdbx_seq_one_letter_code
;MPPTDRTPVTLIGLGPMGQAMTRALLAAGHPVTVWNRTPARAAGVVADGAVLAASPVEAVEAGDLVILSLTDYQAMYDVL
EPATGSLAGRTVVNLSSDTPDRTRAAADWATEHGATFLTGGVMIPAPMVGTEEAYVYYSGPAEVFEKHRTTLTVIGAPRY
LGEDTGLAQLMYQAQLDVFLTTLSSLMHATALLGTAGVSAAESMPELIGMLRTVPAMLEAGGENPGADIDADKHPGDLST
ITMMGATADHIVGASETAGIDLALPRAVQAHYRRAIENGHGGDNWTRIIDGIRSPR
;
_entity_poly.pdbx_strand_id   A,B
#
# COMPACT_ATOMS: atom_id res chain seq x y z
N ASP A 5 32.82 12.94 -14.83
CA ASP A 5 34.07 13.46 -14.22
C ASP A 5 34.78 12.32 -13.47
N ARG A 6 36.02 12.60 -13.08
CA ARG A 6 36.83 11.73 -12.24
C ARG A 6 37.08 12.40 -10.90
N THR A 7 36.17 13.30 -10.47
CA THR A 7 36.36 14.04 -9.23
C THR A 7 36.32 13.07 -8.05
N PRO A 8 37.17 13.26 -7.03
CA PRO A 8 37.16 12.40 -5.85
C PRO A 8 35.88 12.54 -5.05
N VAL A 9 35.37 11.41 -4.60
CA VAL A 9 34.16 11.39 -3.74
C VAL A 9 34.50 10.68 -2.43
N THR A 10 33.99 11.22 -1.32
CA THR A 10 34.12 10.52 -0.03
C THR A 10 32.73 9.96 0.30
N LEU A 11 32.67 8.70 0.71
CA LEU A 11 31.38 8.10 1.15
C LEU A 11 31.55 7.50 2.55
N ILE A 12 30.72 7.99 3.46
CA ILE A 12 30.73 7.49 4.87
C ILE A 12 29.43 6.72 5.11
N GLY A 13 29.59 5.48 5.57
CA GLY A 13 28.47 4.62 5.87
C GLY A 13 28.35 3.52 4.81
N LEU A 14 28.68 2.30 5.21
CA LEU A 14 28.79 1.21 4.26
C LEU A 14 27.80 0.09 4.62
N GLY A 15 26.54 0.48 4.85
CA GLY A 15 25.44 -0.46 4.73
C GLY A 15 25.28 -0.84 3.25
N PRO A 16 24.21 -1.58 2.89
CA PRO A 16 24.02 -2.00 1.51
C PRO A 16 23.95 -0.82 0.54
N MET A 17 23.39 0.31 0.98
CA MET A 17 23.24 1.44 0.08
C MET A 17 24.61 2.11 -0.15
N GLY A 18 25.35 2.41 0.92
CA GLY A 18 26.67 2.98 0.73
C GLY A 18 27.58 2.08 -0.10
N GLN A 19 27.49 0.75 0.11
CA GLN A 19 28.30 -0.18 -0.67
C GLN A 19 27.93 -0.08 -2.15
N ALA A 20 26.62 -0.06 -2.45
CA ALA A 20 26.20 0.01 -3.85
C ALA A 20 26.59 1.35 -4.47
N MET A 21 26.41 2.44 -3.72
CA MET A 21 26.74 3.74 -4.26
C MET A 21 28.25 3.87 -4.49
N THR A 22 29.06 3.32 -3.58
CA THR A 22 30.51 3.29 -3.74
C THR A 22 30.87 2.58 -5.04
N ARG A 23 30.27 1.41 -5.27
CA ARG A 23 30.60 0.60 -6.43
C ARG A 23 30.20 1.34 -7.71
N ALA A 24 29.01 1.95 -7.72
CA ALA A 24 28.55 2.73 -8.87
C ALA A 24 29.56 3.83 -9.20
N LEU A 25 30.04 4.52 -8.15
CA LEU A 25 30.93 5.65 -8.35
C LEU A 25 32.29 5.17 -8.85
N LEU A 26 32.79 4.04 -8.32
CA LEU A 26 34.06 3.47 -8.78
C LEU A 26 33.95 3.05 -10.25
N ALA A 27 32.83 2.43 -10.61
CA ALA A 27 32.62 1.92 -11.95
C ALA A 27 32.62 3.07 -12.96
N ALA A 28 32.16 4.24 -12.51
CA ALA A 28 32.05 5.39 -13.39
C ALA A 28 33.36 6.16 -13.42
N GLY A 29 34.40 5.68 -12.71
CA GLY A 29 35.74 6.27 -12.79
C GLY A 29 36.06 7.28 -11.70
N HIS A 30 35.22 7.45 -10.68
CA HIS A 30 35.52 8.32 -9.55
C HIS A 30 36.40 7.59 -8.54
N PRO A 31 37.49 8.20 -8.04
CA PRO A 31 38.19 7.68 -6.86
C PRO A 31 37.25 7.90 -5.68
N VAL A 32 37.01 6.81 -4.93
CA VAL A 32 36.13 6.87 -3.77
CA VAL A 32 36.13 6.86 -3.77
C VAL A 32 36.95 6.51 -2.52
N THR A 33 36.94 7.46 -1.58
CA THR A 33 37.48 7.24 -0.22
C THR A 33 36.32 6.95 0.73
N VAL A 34 36.42 5.86 1.49
CA VAL A 34 35.35 5.47 2.39
C VAL A 34 35.83 5.51 3.83
N TRP A 35 34.86 5.72 4.73
CA TRP A 35 35.06 5.46 6.14
C TRP A 35 33.80 4.80 6.68
N ASN A 36 33.97 3.92 7.68
CA ASN A 36 32.82 3.25 8.26
C ASN A 36 33.11 3.01 9.74
N ARG A 37 32.08 3.12 10.58
CA ARG A 37 32.24 2.84 11.99
C ARG A 37 32.87 1.44 12.17
N THR A 38 32.48 0.50 11.31
CA THR A 38 33.00 -0.86 11.33
C THR A 38 33.91 -1.08 10.11
N PRO A 39 35.24 -0.86 10.24
CA PRO A 39 36.14 -0.93 9.08
C PRO A 39 36.14 -2.22 8.31
N ALA A 40 35.92 -3.36 8.99
CA ALA A 40 35.88 -4.65 8.33
C ALA A 40 34.84 -4.68 7.22
N ARG A 41 33.75 -3.92 7.38
CA ARG A 41 32.67 -3.91 6.41
C ARG A 41 33.10 -3.29 5.08
N ALA A 42 34.23 -2.56 5.07
CA ALA A 42 34.76 -1.94 3.85
C ALA A 42 35.57 -2.89 2.99
N ALA A 43 35.83 -4.14 3.42
CA ALA A 43 36.76 -5.01 2.72
C ALA A 43 36.32 -5.21 1.27
N GLY A 44 35.02 -5.45 1.06
CA GLY A 44 34.45 -5.64 -0.27
C GLY A 44 34.70 -4.45 -1.19
N VAL A 45 34.33 -3.24 -0.75
CA VAL A 45 34.47 -2.10 -1.64
C VAL A 45 35.95 -1.73 -1.84
N VAL A 46 36.81 -1.99 -0.85
CA VAL A 46 38.23 -1.74 -1.02
C VAL A 46 38.80 -2.70 -2.06
N ALA A 47 38.38 -3.96 -2.02
CA ALA A 47 38.79 -4.91 -3.05
C ALA A 47 38.33 -4.43 -4.42
N ASP A 48 37.22 -3.69 -4.51
CA ASP A 48 36.68 -3.16 -5.76
C ASP A 48 37.29 -1.82 -6.12
N GLY A 49 38.22 -1.28 -5.32
CA GLY A 49 38.98 -0.10 -5.68
C GLY A 49 38.82 1.10 -4.75
N ALA A 50 37.94 0.99 -3.73
CA ALA A 50 37.80 2.08 -2.78
C ALA A 50 39.05 2.16 -1.90
N VAL A 51 39.37 3.38 -1.42
CA VAL A 51 40.42 3.60 -0.43
C VAL A 51 39.78 3.74 0.94
N LEU A 52 40.25 2.93 1.90
CA LEU A 52 39.72 3.04 3.26
C LEU A 52 40.52 4.07 4.02
N ALA A 53 39.87 5.17 4.40
CA ALA A 53 40.48 6.17 5.25
C ALA A 53 40.56 5.62 6.67
N ALA A 54 41.65 5.93 7.37
CA ALA A 54 41.85 5.46 8.73
C ALA A 54 40.99 6.22 9.73
N SER A 55 40.70 7.49 9.42
CA SER A 55 39.94 8.33 10.36
C SER A 55 38.90 9.13 9.59
N PRO A 56 37.83 9.63 10.24
CA PRO A 56 36.87 10.53 9.58
C PRO A 56 37.49 11.80 8.97
N VAL A 57 38.46 12.39 9.67
CA VAL A 57 39.16 13.57 9.18
C VAL A 57 39.81 13.27 7.84
N GLU A 58 40.53 12.15 7.77
CA GLU A 58 41.22 11.77 6.55
C GLU A 58 40.20 11.60 5.43
N ALA A 59 39.06 10.98 5.75
CA ALA A 59 38.02 10.73 4.73
C ALA A 59 37.50 12.06 4.21
N VAL A 60 37.15 12.94 5.14
CA VAL A 60 36.58 14.26 4.75
C VAL A 60 37.60 15.04 3.90
N GLU A 61 38.88 14.99 4.26
CA GLU A 61 39.87 15.78 3.55
C GLU A 61 40.21 15.21 2.18
N ALA A 62 39.71 14.01 1.87
CA ALA A 62 40.05 13.35 0.60
C ALA A 62 39.28 13.99 -0.54
N GLY A 63 38.13 14.59 -0.27
CA GLY A 63 37.33 15.13 -1.41
C GLY A 63 36.54 16.39 -1.10
N ASP A 64 36.03 17.06 -2.14
CA ASP A 64 35.18 18.21 -1.86
C ASP A 64 33.72 17.75 -1.81
N LEU A 65 33.47 16.45 -1.97
CA LEU A 65 32.11 15.89 -1.90
C LEU A 65 32.09 14.74 -0.88
N VAL A 66 31.31 14.93 0.19
CA VAL A 66 31.16 13.89 1.22
C VAL A 66 29.72 13.37 1.15
N ILE A 67 29.57 12.12 0.80
CA ILE A 67 28.21 11.51 0.81
C ILE A 67 28.04 10.69 2.11
N LEU A 68 26.87 10.85 2.73
CA LEU A 68 26.55 10.13 3.96
CA LEU A 68 26.54 10.13 3.96
C LEU A 68 25.38 9.18 3.66
N SER A 69 25.59 7.91 4.02
CA SER A 69 24.60 6.87 3.87
C SER A 69 24.53 6.14 5.19
N LEU A 70 23.79 6.75 6.14
CA LEU A 70 23.70 6.30 7.51
C LEU A 70 22.23 6.12 7.90
N THR A 71 21.97 5.42 9.02
CA THR A 71 20.62 5.07 9.40
C THR A 71 19.80 6.33 9.70
N ASP A 72 20.44 7.35 10.25
CA ASP A 72 19.73 8.57 10.65
C ASP A 72 20.72 9.72 10.77
N TYR A 73 20.23 10.92 11.11
CA TYR A 73 21.10 12.09 11.12
C TYR A 73 21.94 12.14 12.40
N GLN A 74 21.51 11.48 13.47
CA GLN A 74 22.36 11.42 14.64
C GLN A 74 23.71 10.79 14.28
N ALA A 75 23.66 9.77 13.42
CA ALA A 75 24.87 9.10 12.96
C ALA A 75 25.79 10.10 12.24
N MET A 76 25.22 11.05 11.47
CA MET A 76 26.06 12.05 10.82
C MET A 76 26.83 12.85 11.87
N TYR A 77 26.18 13.29 12.96
CA TYR A 77 26.86 14.07 13.97
C TYR A 77 27.94 13.23 14.65
N ASP A 78 27.59 11.96 14.92
CA ASP A 78 28.50 11.04 15.59
C ASP A 78 29.81 10.93 14.80
N VAL A 79 29.71 10.71 13.47
CA VAL A 79 30.90 10.40 12.70
C VAL A 79 31.65 11.67 12.31
N LEU A 80 30.94 12.80 12.10
CA LEU A 80 31.58 14.00 11.59
C LEU A 80 32.06 14.93 12.70
N GLU A 81 31.65 14.73 13.96
CA GLU A 81 32.05 15.63 15.04
C GLU A 81 33.59 15.74 15.11
N PRO A 82 34.38 14.64 15.13
CA PRO A 82 35.85 14.78 15.15
C PRO A 82 36.43 15.51 13.93
N ALA A 83 35.60 15.71 12.89
CA ALA A 83 36.09 16.23 11.62
C ALA A 83 35.50 17.60 11.31
N THR A 84 34.82 18.25 12.27
CA THR A 84 34.07 19.45 11.92
C THR A 84 35.03 20.57 11.46
N GLY A 85 36.27 20.56 11.96
CA GLY A 85 37.28 21.51 11.51
C GLY A 85 37.74 21.31 10.06
N SER A 86 37.40 20.17 9.43
CA SER A 86 37.83 19.88 8.06
C SER A 86 36.68 20.00 7.03
N LEU A 87 35.51 20.47 7.46
CA LEU A 87 34.36 20.56 6.57
C LEU A 87 34.40 21.78 5.65
N ALA A 88 35.13 22.85 6.00
CA ALA A 88 35.04 24.09 5.25
C ALA A 88 35.37 23.86 3.79
N GLY A 89 34.56 24.46 2.91
CA GLY A 89 34.78 24.40 1.49
C GLY A 89 34.29 23.12 0.83
N ARG A 90 33.79 22.14 1.59
CA ARG A 90 33.28 20.90 1.02
C ARG A 90 31.75 20.91 0.99
N THR A 91 31.21 20.00 0.19
CA THR A 91 29.77 19.79 0.11
C THR A 91 29.45 18.48 0.81
N VAL A 92 28.52 18.54 1.76
CA VAL A 92 27.97 17.37 2.40
C VAL A 92 26.66 17.04 1.70
N VAL A 93 26.57 15.79 1.22
CA VAL A 93 25.32 15.28 0.68
C VAL A 93 24.86 14.17 1.60
N ASN A 94 23.75 14.42 2.31
CA ASN A 94 23.25 13.41 3.21
C ASN A 94 22.11 12.64 2.55
N LEU A 95 22.32 11.33 2.40
CA LEU A 95 21.39 10.43 1.73
C LEU A 95 20.70 9.54 2.76
N SER A 96 20.41 10.09 3.96
CA SER A 96 19.91 9.30 5.06
C SER A 96 18.50 9.75 5.45
N SER A 97 17.75 8.81 6.02
CA SER A 97 16.42 9.06 6.54
C SER A 97 16.47 9.81 7.86
N ASP A 98 15.58 10.81 8.00
CA ASP A 98 15.32 11.49 9.28
C ASP A 98 14.14 12.44 9.05
N THR A 99 13.78 13.24 10.07
CA THR A 99 12.70 14.19 9.88
C THR A 99 13.18 15.39 9.08
N PRO A 100 12.25 16.07 8.37
CA PRO A 100 12.58 17.29 7.63
C PRO A 100 13.22 18.37 8.50
N ASP A 101 12.82 18.50 9.77
CA ASP A 101 13.34 19.57 10.62
C ASP A 101 14.70 19.21 11.22
N ARG A 102 14.96 17.92 11.44
CA ARG A 102 16.32 17.49 11.70
C ARG A 102 17.25 17.85 10.54
N THR A 103 16.78 17.60 9.33
CA THR A 103 17.53 17.84 8.10
C THR A 103 17.81 19.33 7.94
N ARG A 104 16.81 20.18 8.18
CA ARG A 104 16.99 21.63 8.04
C ARG A 104 18.03 22.18 9.03
N ALA A 105 17.95 21.76 10.29
CA ALA A 105 18.94 22.12 11.28
C ALA A 105 20.33 21.62 10.87
N ALA A 106 20.41 20.41 10.27
CA ALA A 106 21.71 19.85 9.87
C ALA A 106 22.36 20.69 8.78
N ALA A 107 21.56 21.18 7.85
CA ALA A 107 22.04 22.05 6.80
C ALA A 107 22.66 23.32 7.38
N ASP A 108 22.05 23.89 8.43
CA ASP A 108 22.60 25.09 9.06
C ASP A 108 23.88 24.73 9.83
N TRP A 109 23.90 23.54 10.43
CA TRP A 109 25.11 23.05 11.07
C TRP A 109 26.25 22.95 10.07
N ALA A 110 25.97 22.45 8.87
CA ALA A 110 27.00 22.40 7.84
C ALA A 110 27.48 23.80 7.50
N THR A 111 26.55 24.74 7.28
CA THR A 111 26.91 26.11 6.93
C THR A 111 27.82 26.74 7.98
N GLU A 112 27.50 26.49 9.26
CA GLU A 112 28.27 27.04 10.37
C GLU A 112 29.72 26.56 10.36
N HIS A 113 29.92 25.33 9.89
CA HIS A 113 31.25 24.73 9.74
C HIS A 113 31.82 24.96 8.35
N GLY A 114 31.21 25.84 7.55
CA GLY A 114 31.82 26.34 6.34
C GLY A 114 31.58 25.45 5.12
N ALA A 115 30.68 24.46 5.26
CA ALA A 115 30.36 23.54 4.17
C ALA A 115 29.02 23.90 3.53
N THR A 116 28.80 23.41 2.31
CA THR A 116 27.49 23.40 1.70
C THR A 116 26.83 22.06 2.00
N PHE A 117 25.51 22.03 1.82
CA PHE A 117 24.73 20.88 2.22
C PHE A 117 23.65 20.62 1.18
N LEU A 118 23.51 19.34 0.78
CA LEU A 118 22.39 18.92 -0.03
C LEU A 118 21.71 17.73 0.62
N THR A 119 20.38 17.75 0.56
CA THR A 119 19.56 16.64 1.01
C THR A 119 19.26 15.70 -0.15
N GLY A 120 19.42 14.39 0.06
CA GLY A 120 19.01 13.42 -0.94
C GLY A 120 18.19 12.30 -0.31
N GLY A 121 17.19 11.81 -1.05
CA GLY A 121 16.42 10.64 -0.65
C GLY A 121 16.45 9.63 -1.79
N VAL A 122 17.13 8.49 -1.54
CA VAL A 122 17.36 7.48 -2.56
C VAL A 122 16.13 6.57 -2.63
N MET A 123 15.56 6.42 -3.82
CA MET A 123 14.20 5.90 -3.93
C MET A 123 14.13 4.46 -4.42
N ILE A 124 15.24 3.73 -4.40
CA ILE A 124 15.27 2.35 -4.82
C ILE A 124 16.17 1.57 -3.87
N PRO A 125 15.99 0.23 -3.77
CA PRO A 125 16.86 -0.60 -2.96
C PRO A 125 18.25 -0.75 -3.60
N ALA A 126 19.18 -1.37 -2.86
CA ALA A 126 20.60 -1.32 -3.18
C ALA A 126 20.91 -1.94 -4.55
N PRO A 127 20.32 -3.09 -4.92
CA PRO A 127 20.60 -3.70 -6.24
C PRO A 127 20.25 -2.83 -7.44
N MET A 128 19.35 -1.87 -7.25
CA MET A 128 18.87 -1.04 -8.34
C MET A 128 19.69 0.27 -8.41
N VAL A 129 20.58 0.51 -7.44
CA VAL A 129 21.41 1.71 -7.48
C VAL A 129 22.23 1.72 -8.78
N GLY A 130 22.24 2.88 -9.45
CA GLY A 130 23.05 3.08 -10.64
C GLY A 130 22.46 2.44 -11.90
N THR A 131 21.20 1.98 -11.84
CA THR A 131 20.51 1.46 -13.00
C THR A 131 19.54 2.52 -13.53
N GLU A 132 18.90 2.20 -14.66
CA GLU A 132 18.00 3.12 -15.36
C GLU A 132 16.72 3.34 -14.55
N GLU A 133 16.40 2.45 -13.60
CA GLU A 133 15.21 2.65 -12.80
C GLU A 133 15.50 3.39 -11.49
N ALA A 134 16.79 3.67 -11.20
CA ALA A 134 17.15 4.46 -10.03
C ALA A 134 16.80 5.93 -10.18
N TYR A 135 16.39 6.53 -9.06
CA TYR A 135 16.21 7.96 -8.98
C TYR A 135 16.38 8.40 -7.54
N VAL A 136 16.72 9.68 -7.38
CA VAL A 136 16.99 10.28 -6.09
C VAL A 136 16.37 11.67 -6.04
N TYR A 137 15.65 11.97 -4.96
CA TYR A 137 15.18 13.33 -4.73
C TYR A 137 16.31 14.15 -4.12
N TYR A 138 16.42 15.40 -4.57
CA TYR A 138 17.38 16.33 -4.01
C TYR A 138 16.66 17.63 -3.66
N SER A 139 17.17 18.30 -2.63
CA SER A 139 16.75 19.65 -2.30
C SER A 139 17.88 20.37 -1.56
N GLY A 140 17.87 21.71 -1.62
CA GLY A 140 18.98 22.51 -1.12
C GLY A 140 19.39 23.55 -2.15
N PRO A 141 20.51 24.28 -1.94
CA PRO A 141 20.92 25.34 -2.87
C PRO A 141 21.08 24.82 -4.30
N ALA A 142 20.44 25.49 -5.27
CA ALA A 142 20.51 25.03 -6.66
C ALA A 142 21.95 24.98 -7.14
N GLU A 143 22.77 25.97 -6.72
CA GLU A 143 24.14 26.12 -7.20
C GLU A 143 24.96 24.90 -6.80
N VAL A 144 24.69 24.36 -5.60
CA VAL A 144 25.47 23.27 -5.07
C VAL A 144 25.02 21.96 -5.74
N PHE A 145 23.71 21.84 -6.03
CA PHE A 145 23.18 20.73 -6.80
C PHE A 145 23.81 20.71 -8.20
N GLU A 146 23.89 21.88 -8.87
CA GLU A 146 24.39 21.89 -10.25
C GLU A 146 25.87 21.51 -10.25
N LYS A 147 26.63 21.99 -9.27
CA LYS A 147 28.06 21.69 -9.18
C LYS A 147 28.30 20.18 -9.16
N HIS A 148 27.45 19.40 -8.48
CA HIS A 148 27.75 17.99 -8.24
C HIS A 148 26.81 17.07 -9.01
N ARG A 149 25.95 17.66 -9.86
CA ARG A 149 24.87 16.93 -10.49
C ARG A 149 25.42 15.71 -11.22
N THR A 150 26.51 15.88 -11.96
CA THR A 150 26.98 14.86 -12.87
C THR A 150 27.53 13.68 -12.07
N THR A 151 28.14 13.96 -10.92
CA THR A 151 28.64 12.90 -10.05
C THR A 151 27.45 12.17 -9.44
N LEU A 152 26.50 12.94 -8.90
CA LEU A 152 25.35 12.38 -8.22
C LEU A 152 24.52 11.50 -9.17
N THR A 153 24.46 11.84 -10.46
CA THR A 153 23.63 11.12 -11.40
C THR A 153 24.07 9.67 -11.53
N VAL A 154 25.32 9.36 -11.24
CA VAL A 154 25.84 7.99 -11.27
C VAL A 154 25.00 7.06 -10.38
N ILE A 155 24.52 7.59 -9.24
CA ILE A 155 23.71 6.80 -8.32
C ILE A 155 22.29 6.57 -8.86
N GLY A 156 21.71 7.60 -9.51
CA GLY A 156 20.31 7.56 -9.86
C GLY A 156 19.91 8.89 -10.46
N ALA A 157 18.94 8.87 -11.38
CA ALA A 157 18.49 10.12 -12.01
C ALA A 157 18.02 11.10 -10.92
N PRO A 158 18.56 12.34 -10.87
CA PRO A 158 18.17 13.30 -9.84
C PRO A 158 16.81 13.93 -10.14
N ARG A 159 16.02 14.13 -9.08
CA ARG A 159 14.79 14.91 -9.16
C ARG A 159 14.92 16.04 -8.15
N TYR A 160 15.38 17.19 -8.64
CA TYR A 160 15.62 18.34 -7.81
C TYR A 160 14.28 19.00 -7.49
N LEU A 161 14.04 19.31 -6.21
CA LEU A 161 12.73 19.75 -5.78
C LEU A 161 12.72 21.22 -5.37
N GLY A 162 13.90 21.81 -5.19
CA GLY A 162 14.00 23.20 -4.79
C GLY A 162 14.93 23.42 -3.61
N GLU A 163 14.79 24.61 -3.03
CA GLU A 163 15.81 25.20 -2.18
C GLU A 163 15.68 24.73 -0.74
N ASP A 164 14.48 24.29 -0.34
CA ASP A 164 14.24 23.94 1.05
C ASP A 164 14.94 22.61 1.33
N THR A 165 15.95 22.62 2.20
CA THR A 165 16.71 21.40 2.50
C THR A 165 15.80 20.31 3.07
N GLY A 166 14.71 20.72 3.74
CA GLY A 166 13.72 19.79 4.28
C GLY A 166 12.88 19.06 3.24
N LEU A 167 12.79 19.58 2.01
CA LEU A 167 11.75 19.12 1.11
C LEU A 167 12.07 17.74 0.53
N ALA A 168 13.32 17.47 0.19
CA ALA A 168 13.63 16.15 -0.32
C ALA A 168 13.43 15.12 0.79
N GLN A 169 13.66 15.53 2.03
CA GLN A 169 13.47 14.66 3.17
C GLN A 169 11.97 14.43 3.37
N LEU A 170 11.16 15.49 3.27
CA LEU A 170 9.71 15.32 3.35
C LEU A 170 9.20 14.40 2.25
N MET A 171 9.73 14.52 1.01
CA MET A 171 9.30 13.66 -0.06
C MET A 171 9.68 12.21 0.26
N TYR A 172 10.89 12.01 0.78
CA TYR A 172 11.33 10.67 1.13
C TYR A 172 10.44 10.05 2.21
N GLN A 173 10.13 10.81 3.26
CA GLN A 173 9.27 10.34 4.32
C GLN A 173 7.87 10.03 3.79
N ALA A 174 7.38 10.82 2.83
CA ALA A 174 6.03 10.61 2.34
C ALA A 174 6.00 9.36 1.48
N GLN A 175 7.06 9.17 0.69
CA GLN A 175 7.19 7.99 -0.14
C GLN A 175 7.30 6.75 0.75
N LEU A 176 8.06 6.83 1.84
CA LEU A 176 8.25 5.66 2.69
C LEU A 176 7.03 5.39 3.55
N ASP A 177 6.25 6.43 3.86
CA ASP A 177 4.92 6.33 4.44
C ASP A 177 4.07 5.37 3.61
N VAL A 178 4.01 5.62 2.30
CA VAL A 178 3.24 4.73 1.43
C VAL A 178 3.88 3.35 1.40
N PHE A 179 5.21 3.29 1.19
CA PHE A 179 5.91 2.03 1.02
C PHE A 179 5.79 1.14 2.25
N LEU A 180 6.15 1.68 3.43
CA LEU A 180 6.16 0.91 4.66
C LEU A 180 4.73 0.52 5.06
N THR A 181 3.77 1.44 4.87
CA THR A 181 2.39 1.12 5.22
C THR A 181 1.87 0.02 4.30
N THR A 182 2.19 0.09 3.01
CA THR A 182 1.80 -0.96 2.08
C THR A 182 2.42 -2.29 2.52
N LEU A 183 3.70 -2.29 2.86
CA LEU A 183 4.36 -3.53 3.25
C LEU A 183 3.69 -4.10 4.51
N SER A 184 3.40 -3.26 5.50
CA SER A 184 2.75 -3.69 6.73
C SER A 184 1.38 -4.30 6.39
N SER A 185 0.66 -3.71 5.44
CA SER A 185 -0.63 -4.27 5.07
C SER A 185 -0.47 -5.63 4.38
N LEU A 186 0.55 -5.79 3.51
CA LEU A 186 0.83 -7.11 2.94
C LEU A 186 1.06 -8.15 4.03
N MET A 187 1.86 -7.81 5.05
CA MET A 187 2.11 -8.75 6.13
C MET A 187 0.84 -8.97 6.95
N HIS A 188 0.02 -7.94 7.08
CA HIS A 188 -1.21 -8.06 7.85
C HIS A 188 -2.17 -9.02 7.13
N ALA A 189 -2.33 -8.85 5.82
CA ALA A 189 -3.23 -9.70 5.05
C ALA A 189 -2.68 -11.12 4.98
N THR A 190 -1.36 -11.25 4.81
CA THR A 190 -0.74 -12.57 4.82
C THR A 190 -1.04 -13.26 6.16
N ALA A 191 -0.92 -12.52 7.28
CA ALA A 191 -1.22 -13.06 8.59
C ALA A 191 -2.68 -13.49 8.67
N LEU A 192 -3.59 -12.67 8.14
CA LEU A 192 -5.00 -12.96 8.24
C LEU A 192 -5.33 -14.25 7.50
N LEU A 193 -4.81 -14.42 6.29
CA LEU A 193 -5.05 -15.62 5.52
C LEU A 193 -4.40 -16.84 6.14
N GLY A 194 -3.23 -16.64 6.76
CA GLY A 194 -2.49 -17.69 7.43
C GLY A 194 -3.28 -18.31 8.56
N THR A 195 -4.22 -17.52 9.08
CA THR A 195 -5.06 -17.90 10.20
C THR A 195 -6.06 -18.98 9.78
N ALA A 196 -6.39 -19.09 8.48
CA ALA A 196 -7.25 -20.15 7.95
C ALA A 196 -6.43 -21.20 7.23
N GLY A 197 -5.12 -21.22 7.47
CA GLY A 197 -4.23 -22.25 6.96
C GLY A 197 -3.67 -21.95 5.58
N VAL A 198 -3.85 -20.72 5.07
CA VAL A 198 -3.32 -20.39 3.75
C VAL A 198 -1.85 -19.98 3.92
N SER A 199 -0.99 -20.61 3.12
CA SER A 199 0.44 -20.35 3.08
C SER A 199 0.70 -18.90 2.66
N ALA A 200 1.81 -18.30 3.14
CA ALA A 200 2.30 -17.06 2.56
C ALA A 200 2.69 -17.23 1.09
N ALA A 201 3.18 -18.42 0.74
CA ALA A 201 3.57 -18.71 -0.63
C ALA A 201 2.35 -18.67 -1.55
N GLU A 202 1.16 -18.99 -1.01
CA GLU A 202 -0.07 -18.93 -1.77
C GLU A 202 -0.63 -17.51 -1.71
N SER A 203 -0.65 -16.93 -0.50
CA SER A 203 -1.23 -15.61 -0.24
C SER A 203 -0.54 -14.50 -1.03
N MET A 204 0.81 -14.40 -0.90
CA MET A 204 1.52 -13.21 -1.32
C MET A 204 1.39 -12.96 -2.82
N PRO A 205 1.47 -13.96 -3.73
CA PRO A 205 1.22 -13.71 -5.14
C PRO A 205 -0.17 -13.14 -5.44
N GLU A 206 -1.19 -13.57 -4.68
CA GLU A 206 -2.55 -13.08 -4.87
C GLU A 206 -2.60 -11.61 -4.51
N LEU A 207 -1.98 -11.28 -3.36
CA LEU A 207 -1.95 -9.91 -2.86
C LEU A 207 -1.12 -9.00 -3.76
N ILE A 208 0.06 -9.47 -4.20
CA ILE A 208 0.91 -8.69 -5.09
C ILE A 208 0.21 -8.50 -6.43
N GLY A 209 -0.44 -9.58 -6.89
CA GLY A 209 -1.15 -9.55 -8.16
C GLY A 209 -2.14 -8.39 -8.16
N MET A 210 -2.89 -8.26 -7.06
CA MET A 210 -3.83 -7.15 -6.89
C MET A 210 -3.08 -5.82 -6.82
N LEU A 211 -1.98 -5.78 -6.04
CA LEU A 211 -1.30 -4.54 -5.78
C LEU A 211 -0.77 -3.94 -7.08
N ARG A 212 -0.30 -4.82 -7.96
CA ARG A 212 0.25 -4.44 -9.25
C ARG A 212 -0.77 -3.64 -10.07
N THR A 213 -2.07 -3.94 -9.90
CA THR A 213 -3.13 -3.31 -10.66
C THR A 213 -3.73 -2.07 -10.00
N VAL A 214 -3.17 -1.63 -8.86
CA VAL A 214 -3.80 -0.56 -8.11
C VAL A 214 -3.77 0.77 -8.86
N PRO A 215 -2.65 1.25 -9.42
CA PRO A 215 -2.69 2.46 -10.24
C PRO A 215 -3.79 2.41 -11.29
N ALA A 216 -3.97 1.26 -11.95
CA ALA A 216 -5.02 1.09 -12.95
C ALA A 216 -6.41 1.14 -12.33
N MET A 217 -6.59 0.49 -11.17
CA MET A 217 -7.89 0.44 -10.55
C MET A 217 -8.29 1.85 -10.13
N LEU A 218 -7.31 2.67 -9.72
CA LEU A 218 -7.57 4.05 -9.32
C LEU A 218 -8.02 4.85 -10.55
N GLU A 219 -7.54 4.51 -11.74
CA GLU A 219 -7.80 5.33 -12.91
C GLU A 219 -9.05 4.86 -13.67
N ALA A 220 -9.64 3.73 -13.25
CA ALA A 220 -10.79 3.13 -13.92
C ALA A 220 -11.94 4.14 -14.04
N PRO A 225 -7.05 12.05 -9.53
CA PRO A 225 -7.34 11.96 -8.10
C PRO A 225 -6.63 13.06 -7.31
N GLY A 226 -5.39 13.38 -7.72
CA GLY A 226 -4.65 14.50 -7.14
C GLY A 226 -5.36 15.82 -7.40
N ALA A 227 -5.65 16.11 -8.67
CA ALA A 227 -6.32 17.35 -9.06
C ALA A 227 -7.70 17.41 -8.41
N ASP A 228 -8.39 16.28 -8.35
CA ASP A 228 -9.69 16.19 -7.69
C ASP A 228 -9.59 16.55 -6.21
N ILE A 229 -8.56 16.04 -5.52
CA ILE A 229 -8.33 16.39 -4.12
C ILE A 229 -8.05 17.90 -4.01
N ASP A 230 -7.30 18.45 -4.97
CA ASP A 230 -7.01 19.87 -4.97
C ASP A 230 -8.28 20.66 -5.26
N ALA A 231 -9.15 20.11 -6.12
CA ALA A 231 -10.34 20.80 -6.60
C ALA A 231 -11.56 20.48 -5.71
N ASP A 232 -11.36 19.73 -4.62
CA ASP A 232 -12.46 19.28 -3.75
C ASP A 232 -13.49 18.43 -4.49
N LYS A 233 -13.10 17.80 -5.60
CA LYS A 233 -14.00 16.89 -6.29
C LYS A 233 -13.88 15.51 -5.63
N HIS A 234 -14.88 15.20 -4.78
CA HIS A 234 -14.96 13.93 -4.08
C HIS A 234 -16.29 13.25 -4.34
N PRO A 235 -16.71 13.01 -5.60
CA PRO A 235 -18.02 12.43 -5.88
C PRO A 235 -18.00 10.91 -5.79
N GLY A 236 -19.03 10.34 -5.16
CA GLY A 236 -19.02 8.93 -4.77
C GLY A 236 -19.73 7.96 -5.71
N ASP A 237 -19.77 8.28 -7.00
CA ASP A 237 -20.59 7.57 -7.96
C ASP A 237 -20.23 6.08 -8.02
N LEU A 238 -18.94 5.75 -8.06
CA LEU A 238 -18.50 4.37 -8.31
C LEU A 238 -18.07 3.67 -7.01
N SER A 239 -17.93 4.43 -5.93
CA SER A 239 -17.51 3.89 -4.65
C SER A 239 -17.64 4.96 -3.57
N THR A 240 -18.41 4.66 -2.54
CA THR A 240 -18.66 5.63 -1.50
C THR A 240 -17.86 5.25 -0.26
N ILE A 241 -17.62 6.28 0.56
CA ILE A 241 -17.04 6.09 1.88
C ILE A 241 -17.91 5.18 2.71
N THR A 242 -19.24 5.27 2.60
CA THR A 242 -20.08 4.34 3.34
C THR A 242 -19.70 2.89 3.06
N MET A 243 -19.51 2.57 1.78
CA MET A 243 -19.35 1.20 1.35
C MET A 243 -17.93 0.74 1.72
N MET A 244 -16.97 1.64 1.55
CA MET A 244 -15.58 1.29 1.83
C MET A 244 -15.33 1.25 3.34
N GLY A 245 -16.02 2.14 4.06
CA GLY A 245 -16.01 2.14 5.52
C GLY A 245 -16.58 0.84 6.09
N ALA A 246 -17.65 0.32 5.47
CA ALA A 246 -18.18 -0.98 5.89
C ALA A 246 -17.13 -2.07 5.73
N THR A 247 -16.47 -2.14 4.56
CA THR A 247 -15.38 -3.10 4.37
C THR A 247 -14.29 -2.87 5.44
N ALA A 248 -13.97 -1.60 5.77
CA ALA A 248 -12.99 -1.34 6.81
C ALA A 248 -13.43 -2.00 8.12
N ASP A 249 -14.74 -1.93 8.41
CA ASP A 249 -15.31 -2.54 9.59
C ASP A 249 -15.17 -4.07 9.55
N HIS A 250 -15.34 -4.65 8.34
CA HIS A 250 -15.32 -6.09 8.18
C HIS A 250 -13.91 -6.61 8.38
N ILE A 251 -12.92 -5.82 7.94
CA ILE A 251 -11.51 -6.17 8.11
C ILE A 251 -11.16 -6.17 9.60
N VAL A 252 -11.60 -5.13 10.34
CA VAL A 252 -11.34 -5.09 11.76
C VAL A 252 -11.95 -6.34 12.40
N GLY A 253 -13.22 -6.60 12.07
CA GLY A 253 -13.90 -7.78 12.57
C GLY A 253 -13.18 -9.09 12.27
N ALA A 254 -12.77 -9.29 11.02
CA ALA A 254 -12.05 -10.47 10.63
C ALA A 254 -10.74 -10.56 11.40
N SER A 255 -10.08 -9.40 11.63
CA SER A 255 -8.81 -9.33 12.30
C SER A 255 -8.96 -9.70 13.77
N GLU A 256 -10.00 -9.15 14.41
CA GLU A 256 -10.34 -9.47 15.78
C GLU A 256 -10.47 -10.99 15.92
N THR A 257 -11.26 -11.59 15.02
CA THR A 257 -11.56 -13.01 15.09
C THR A 257 -10.33 -13.86 14.80
N ALA A 258 -9.42 -13.35 13.96
CA ALA A 258 -8.19 -14.03 13.61
C ALA A 258 -7.11 -13.89 14.70
N GLY A 259 -7.28 -12.92 15.60
CA GLY A 259 -6.33 -12.69 16.68
C GLY A 259 -5.04 -12.01 16.22
N ILE A 260 -5.13 -11.13 15.23
CA ILE A 260 -3.93 -10.43 14.74
C ILE A 260 -4.00 -8.94 15.08
N ASP A 261 -2.95 -8.22 14.69
CA ASP A 261 -2.84 -6.81 15.01
C ASP A 261 -4.14 -6.10 14.63
N LEU A 262 -4.71 -5.34 15.59
CA LEU A 262 -5.85 -4.48 15.32
C LEU A 262 -5.49 -3.03 15.07
N ALA A 263 -4.27 -2.60 15.39
CA ALA A 263 -3.97 -1.17 15.30
C ALA A 263 -3.99 -0.69 13.86
N LEU A 264 -3.36 -1.45 12.96
CA LEU A 264 -3.32 -1.03 11.58
C LEU A 264 -4.73 -0.93 10.98
N PRO A 265 -5.56 -2.00 10.95
CA PRO A 265 -6.90 -1.85 10.36
C PRO A 265 -7.78 -0.83 11.09
N ARG A 266 -7.58 -0.66 12.41
CA ARG A 266 -8.37 0.35 13.10
C ARG A 266 -7.99 1.77 12.69
N ALA A 267 -6.73 2.00 12.30
CA ALA A 267 -6.36 3.33 11.85
C ALA A 267 -7.07 3.65 10.55
N VAL A 268 -7.19 2.63 9.68
CA VAL A 268 -7.88 2.76 8.42
C VAL A 268 -9.38 2.95 8.66
N GLN A 269 -9.93 2.12 9.52
CA GLN A 269 -11.35 2.22 9.86
C GLN A 269 -11.68 3.63 10.33
N ALA A 270 -10.76 4.23 11.10
CA ALA A 270 -11.00 5.56 11.68
C ALA A 270 -11.05 6.62 10.58
N HIS A 271 -10.30 6.42 9.48
CA HIS A 271 -10.32 7.40 8.42
C HIS A 271 -11.75 7.48 7.88
N TYR A 272 -12.38 6.31 7.72
CA TYR A 272 -13.73 6.28 7.17
C TYR A 272 -14.75 6.78 8.21
N ARG A 273 -14.62 6.33 9.43
CA ARG A 273 -15.58 6.72 10.47
C ARG A 273 -15.60 8.25 10.61
N ARG A 274 -14.44 8.87 10.60
CA ARG A 274 -14.35 10.32 10.71
C ARG A 274 -15.10 10.98 9.56
N ALA A 275 -14.89 10.49 8.33
CA ALA A 275 -15.50 11.10 7.17
C ALA A 275 -17.03 11.02 7.28
N ILE A 276 -17.53 9.89 7.78
CA ILE A 276 -18.97 9.68 7.89
C ILE A 276 -19.52 10.57 9.01
N GLU A 277 -18.83 10.57 10.14
CA GLU A 277 -19.15 11.44 11.26
C GLU A 277 -19.26 12.90 10.80
N ASN A 278 -18.38 13.35 9.91
CA ASN A 278 -18.40 14.70 9.38
C ASN A 278 -19.43 14.87 8.26
N GLY A 279 -20.18 13.82 7.93
CA GLY A 279 -21.29 13.91 7.00
C GLY A 279 -20.92 13.71 5.53
N HIS A 280 -19.85 12.95 5.21
CA HIS A 280 -19.39 12.77 3.84
C HIS A 280 -19.39 11.28 3.46
N GLY A 281 -20.28 10.48 4.06
CA GLY A 281 -20.37 9.07 3.69
C GLY A 281 -20.62 8.86 2.20
N GLY A 282 -21.36 9.79 1.56
CA GLY A 282 -21.70 9.62 0.15
C GLY A 282 -20.54 9.95 -0.80
N ASP A 283 -19.41 10.45 -0.24
CA ASP A 283 -18.31 10.91 -1.07
C ASP A 283 -17.34 9.78 -1.44
N ASN A 284 -16.48 10.10 -2.42
CA ASN A 284 -15.40 9.22 -2.84
C ASN A 284 -14.38 9.09 -1.71
N TRP A 285 -13.60 7.99 -1.74
CA TRP A 285 -12.66 7.66 -0.66
C TRP A 285 -11.60 8.75 -0.46
N THR A 286 -11.30 9.56 -1.48
CA THR A 286 -10.29 10.63 -1.36
C THR A 286 -10.67 11.60 -0.25
N ARG A 287 -11.95 11.66 0.11
CA ARG A 287 -12.45 12.54 1.16
C ARG A 287 -11.83 12.25 2.53
N ILE A 288 -11.29 11.05 2.74
CA ILE A 288 -10.72 10.74 4.04
C ILE A 288 -9.54 11.65 4.36
N ILE A 289 -8.94 12.29 3.34
CA ILE A 289 -7.78 13.16 3.53
C ILE A 289 -8.11 14.33 4.44
N ASP A 290 -9.36 14.78 4.48
CA ASP A 290 -9.73 15.92 5.32
C ASP A 290 -9.56 15.60 6.79
N GLY A 291 -10.06 14.45 7.25
CA GLY A 291 -9.86 14.02 8.63
C GLY A 291 -8.38 13.72 8.94
N ILE A 292 -7.65 13.22 7.93
CA ILE A 292 -6.24 12.94 8.15
C ILE A 292 -5.50 14.25 8.44
N ARG A 293 -5.87 15.31 7.73
CA ARG A 293 -5.22 16.61 7.86
C ARG A 293 -5.58 17.28 9.19
N SER A 294 -6.74 16.92 9.75
CA SER A 294 -7.27 17.57 10.94
C SER A 294 -7.67 16.52 11.97
N PRO A 295 -6.71 15.86 12.66
CA PRO A 295 -7.03 14.89 13.71
C PRO A 295 -7.77 15.56 14.88
N ASP B 5 -25.50 -18.85 -23.04
CA ASP B 5 -26.08 -19.66 -21.93
C ASP B 5 -27.57 -19.33 -21.82
N ARG B 6 -27.89 -18.05 -21.57
CA ARG B 6 -29.24 -17.53 -21.58
C ARG B 6 -30.07 -17.98 -20.38
N THR B 7 -29.46 -18.63 -19.37
CA THR B 7 -30.09 -18.92 -18.08
C THR B 7 -30.64 -17.64 -17.45
N PRO B 8 -31.88 -17.58 -16.95
CA PRO B 8 -32.36 -16.37 -16.26
C PRO B 8 -31.64 -16.16 -14.95
N VAL B 9 -31.32 -14.89 -14.67
CA VAL B 9 -30.59 -14.52 -13.44
C VAL B 9 -31.32 -13.39 -12.72
N THR B 10 -31.35 -13.46 -11.41
CA THR B 10 -31.91 -12.36 -10.58
C THR B 10 -30.74 -11.67 -9.86
N LEU B 11 -30.75 -10.34 -9.91
CA LEU B 11 -29.71 -9.57 -9.21
C LEU B 11 -30.39 -8.53 -8.30
N ILE B 12 -30.04 -8.57 -7.02
CA ILE B 12 -30.59 -7.64 -6.01
C ILE B 12 -29.45 -6.75 -5.54
N GLY B 13 -29.67 -5.45 -5.58
CA GLY B 13 -28.70 -4.46 -5.19
C GLY B 13 -28.13 -3.78 -6.41
N LEU B 14 -28.53 -2.51 -6.61
CA LEU B 14 -28.15 -1.79 -7.80
C LEU B 14 -27.30 -0.56 -7.45
N GLY B 15 -26.28 -0.80 -6.62
CA GLY B 15 -25.17 0.13 -6.58
C GLY B 15 -24.37 0.02 -7.86
N PRO B 16 -23.18 0.66 -7.95
CA PRO B 16 -22.40 0.62 -9.18
C PRO B 16 -22.03 -0.81 -9.60
N MET B 17 -21.77 -1.70 -8.63
CA MET B 17 -21.36 -3.05 -8.98
C MET B 17 -22.58 -3.84 -9.49
N GLY B 18 -23.71 -3.80 -8.79
CA GLY B 18 -24.88 -4.50 -9.30
C GLY B 18 -25.30 -4.02 -10.70
N GLN B 19 -25.19 -2.70 -10.94
CA GLN B 19 -25.53 -2.14 -12.23
C GLN B 19 -24.60 -2.69 -13.28
N ALA B 20 -23.28 -2.70 -13.00
CA ALA B 20 -22.33 -3.21 -13.98
C ALA B 20 -22.52 -4.70 -14.24
N MET B 21 -22.76 -5.47 -13.18
CA MET B 21 -22.93 -6.90 -13.33
C MET B 21 -24.21 -7.20 -14.10
N THR B 22 -25.28 -6.45 -13.85
CA THR B 22 -26.53 -6.59 -14.59
C THR B 22 -26.25 -6.38 -16.08
N ARG B 23 -25.55 -5.29 -16.42
CA ARG B 23 -25.31 -4.95 -17.81
C ARG B 23 -24.46 -6.02 -18.49
N ALA B 24 -23.42 -6.52 -17.79
CA ALA B 24 -22.58 -7.58 -18.33
C ALA B 24 -23.42 -8.82 -18.63
N LEU B 25 -24.36 -9.16 -17.72
CA LEU B 25 -25.17 -10.35 -17.87
C LEU B 25 -26.13 -10.17 -19.04
N LEU B 26 -26.73 -8.98 -19.19
CA LEU B 26 -27.62 -8.70 -20.32
C LEU B 26 -26.86 -8.78 -21.64
N ALA B 27 -25.64 -8.24 -21.67
CA ALA B 27 -24.83 -8.18 -22.87
C ALA B 27 -24.49 -9.60 -23.32
N ALA B 28 -24.37 -10.52 -22.37
CA ALA B 28 -23.99 -11.88 -22.68
C ALA B 28 -25.22 -12.73 -23.00
N GLY B 29 -26.42 -12.11 -23.02
CA GLY B 29 -27.62 -12.78 -23.47
C GLY B 29 -28.48 -13.38 -22.36
N HIS B 30 -28.16 -13.12 -21.08
CA HIS B 30 -28.99 -13.61 -19.99
C HIS B 30 -30.15 -12.64 -19.74
N PRO B 31 -31.39 -13.15 -19.57
CA PRO B 31 -32.48 -12.32 -19.06
C PRO B 31 -32.17 -12.07 -17.58
N VAL B 32 -32.22 -10.78 -17.19
CA VAL B 32 -31.90 -10.36 -15.84
C VAL B 32 -33.11 -9.67 -15.22
N THR B 33 -33.53 -10.22 -14.08
CA THR B 33 -34.61 -9.62 -13.26
C THR B 33 -33.94 -8.97 -12.05
N VAL B 34 -34.25 -7.70 -11.79
CA VAL B 34 -33.61 -6.94 -10.74
C VAL B 34 -34.64 -6.50 -9.70
N TRP B 35 -34.15 -6.33 -8.46
CA TRP B 35 -34.90 -5.65 -7.42
C TRP B 35 -33.93 -4.79 -6.62
N ASN B 36 -34.42 -3.65 -6.15
CA ASN B 36 -33.60 -2.73 -5.38
C ASN B 36 -34.47 -2.05 -4.32
N ARG B 37 -33.90 -1.81 -3.15
CA ARG B 37 -34.59 -1.05 -2.11
C ARG B 37 -35.13 0.26 -2.70
N THR B 38 -34.37 0.88 -3.62
CA THR B 38 -34.75 2.13 -4.28
C THR B 38 -35.03 1.83 -5.74
N PRO B 39 -36.30 1.58 -6.13
CA PRO B 39 -36.63 1.17 -7.50
C PRO B 39 -36.22 2.13 -8.59
N ALA B 40 -36.21 3.44 -8.29
CA ALA B 40 -35.80 4.46 -9.26
C ALA B 40 -34.38 4.20 -9.77
N ARG B 41 -33.53 3.61 -8.92
CA ARG B 41 -32.15 3.37 -9.31
C ARG B 41 -32.03 2.33 -10.43
N ALA B 42 -33.11 1.55 -10.68
CA ALA B 42 -33.11 0.53 -11.72
C ALA B 42 -33.44 1.08 -13.11
N ALA B 43 -33.75 2.38 -13.25
CA ALA B 43 -34.23 2.90 -14.52
C ALA B 43 -33.24 2.63 -15.65
N GLY B 44 -31.95 2.88 -15.37
CA GLY B 44 -30.86 2.64 -16.31
C GLY B 44 -30.77 1.19 -16.78
N VAL B 45 -30.74 0.23 -15.85
CA VAL B 45 -30.57 -1.16 -16.26
C VAL B 45 -31.84 -1.66 -16.97
N VAL B 46 -33.02 -1.14 -16.60
CA VAL B 46 -34.25 -1.54 -17.27
C VAL B 46 -34.23 -1.03 -18.70
N ALA B 47 -33.77 0.22 -18.90
CA ALA B 47 -33.61 0.73 -20.26
C ALA B 47 -32.67 -0.14 -21.07
N ASP B 48 -31.70 -0.80 -20.41
CA ASP B 48 -30.74 -1.65 -21.11
C ASP B 48 -31.23 -3.10 -21.23
N GLY B 49 -32.45 -3.40 -20.72
CA GLY B 49 -33.09 -4.69 -20.96
C GLY B 49 -33.45 -5.48 -19.69
N ALA B 50 -33.09 -4.97 -18.50
CA ALA B 50 -33.42 -5.67 -17.28
C ALA B 50 -34.92 -5.54 -17.01
N VAL B 51 -35.47 -6.54 -16.29
CA VAL B 51 -36.86 -6.52 -15.87
C VAL B 51 -36.90 -6.17 -14.39
N LEU B 52 -37.69 -5.15 -14.06
CA LEU B 52 -37.78 -4.74 -12.67
C LEU B 52 -38.89 -5.51 -11.98
N ALA B 53 -38.54 -6.33 -11.00
CA ALA B 53 -39.51 -7.05 -10.20
C ALA B 53 -40.12 -6.05 -9.23
N ALA B 54 -41.41 -6.21 -8.95
CA ALA B 54 -42.13 -5.32 -8.06
C ALA B 54 -41.82 -5.61 -6.61
N SER B 55 -41.53 -6.87 -6.29
CA SER B 55 -41.33 -7.29 -4.90
C SER B 55 -40.12 -8.23 -4.82
N PRO B 56 -39.51 -8.41 -3.64
CA PRO B 56 -38.41 -9.38 -3.51
C PRO B 56 -38.78 -10.83 -3.86
N VAL B 57 -39.99 -11.23 -3.48
CA VAL B 57 -40.50 -12.56 -3.77
C VAL B 57 -40.54 -12.76 -5.28
N GLU B 58 -41.09 -11.79 -6.01
CA GLU B 58 -41.17 -11.90 -7.46
C GLU B 58 -39.76 -12.02 -8.04
N ALA B 59 -38.81 -11.26 -7.52
CA ALA B 59 -37.42 -11.31 -8.03
C ALA B 59 -36.82 -12.71 -7.79
N VAL B 60 -37.00 -13.22 -6.58
CA VAL B 60 -36.42 -14.55 -6.24
C VAL B 60 -37.06 -15.61 -7.14
N GLU B 61 -38.34 -15.49 -7.41
CA GLU B 61 -39.02 -16.54 -8.14
C GLU B 61 -38.75 -16.48 -9.64
N ALA B 62 -38.05 -15.45 -10.11
CA ALA B 62 -37.83 -15.29 -11.56
C ALA B 62 -36.79 -16.31 -12.08
N GLY B 63 -35.90 -16.77 -11.21
CA GLY B 63 -34.87 -17.71 -11.67
C GLY B 63 -34.24 -18.61 -10.62
N ASP B 64 -33.28 -19.43 -11.03
CA ASP B 64 -32.64 -20.39 -10.15
C ASP B 64 -31.38 -19.79 -9.53
N LEU B 65 -30.97 -18.64 -10.04
CA LEU B 65 -29.74 -17.97 -9.53
C LEU B 65 -30.07 -16.55 -9.03
N VAL B 66 -29.78 -16.31 -7.75
CA VAL B 66 -29.98 -14.98 -7.13
C VAL B 66 -28.63 -14.40 -6.72
N ILE B 67 -28.24 -13.34 -7.38
CA ILE B 67 -26.97 -12.63 -7.06
C ILE B 67 -27.29 -11.42 -6.18
N LEU B 68 -26.52 -11.27 -5.11
CA LEU B 68 -26.65 -10.17 -4.18
CA LEU B 68 -26.67 -10.15 -4.18
C LEU B 68 -25.41 -9.29 -4.27
N SER B 69 -25.62 -7.99 -4.47
CA SER B 69 -24.58 -6.97 -4.52
C SER B 69 -25.00 -5.83 -3.61
N LEU B 70 -24.76 -6.02 -2.31
CA LEU B 70 -25.22 -5.13 -1.26
C LEU B 70 -24.05 -4.75 -0.38
N THR B 71 -24.25 -3.71 0.44
CA THR B 71 -23.14 -3.15 1.19
C THR B 71 -22.60 -4.13 2.21
N ASP B 72 -23.47 -4.97 2.78
CA ASP B 72 -23.08 -5.97 3.78
C ASP B 72 -24.11 -7.10 3.85
N TYR B 73 -23.91 -8.08 4.75
CA TYR B 73 -24.78 -9.24 4.79
C TYR B 73 -26.06 -8.93 5.54
N GLN B 74 -26.07 -7.93 6.41
CA GLN B 74 -27.31 -7.54 7.05
C GLN B 74 -28.33 -7.14 5.98
N ALA B 75 -27.87 -6.47 4.92
CA ALA B 75 -28.71 -6.09 3.80
C ALA B 75 -29.33 -7.33 3.13
N MET B 76 -28.59 -8.45 3.10
CA MET B 76 -29.14 -9.67 2.53
C MET B 76 -30.35 -10.13 3.36
N TYR B 77 -30.23 -10.14 4.68
CA TYR B 77 -31.32 -10.55 5.55
C TYR B 77 -32.49 -9.59 5.34
N ASP B 78 -32.19 -8.29 5.20
CA ASP B 78 -33.22 -7.27 5.09
C ASP B 78 -34.06 -7.52 3.86
N VAL B 79 -33.41 -7.77 2.70
CA VAL B 79 -34.12 -7.83 1.44
C VAL B 79 -34.77 -9.21 1.27
N LEU B 80 -34.15 -10.27 1.78
CA LEU B 80 -34.61 -11.63 1.50
C LEU B 80 -35.56 -12.14 2.57
N GLU B 81 -35.69 -11.47 3.74
CA GLU B 81 -36.57 -11.97 4.78
C GLU B 81 -37.99 -12.17 4.26
N PRO B 82 -38.64 -11.20 3.57
CA PRO B 82 -39.99 -11.43 3.05
C PRO B 82 -40.10 -12.58 2.05
N ALA B 83 -38.95 -13.07 1.56
CA ALA B 83 -38.91 -14.00 0.45
C ALA B 83 -38.33 -15.35 0.90
N THR B 84 -38.16 -15.57 2.20
CA THR B 84 -37.47 -16.79 2.65
C THR B 84 -38.25 -18.03 2.20
N GLY B 85 -39.58 -17.94 2.06
CA GLY B 85 -40.38 -19.06 1.59
C GLY B 85 -40.17 -19.41 0.11
N SER B 86 -39.50 -18.54 -0.66
CA SER B 86 -39.30 -18.76 -2.09
C SER B 86 -37.85 -19.12 -2.44
N LEU B 87 -37.00 -19.31 -1.43
CA LEU B 87 -35.61 -19.65 -1.66
C LEU B 87 -35.37 -21.11 -2.02
N ALA B 88 -36.28 -22.04 -1.66
CA ALA B 88 -36.00 -23.45 -1.86
C ALA B 88 -35.69 -23.74 -3.33
N GLY B 89 -34.66 -24.56 -3.55
CA GLY B 89 -34.28 -24.99 -4.88
C GLY B 89 -33.40 -23.99 -5.62
N ARG B 90 -33.19 -22.77 -5.09
CA ARG B 90 -32.41 -21.78 -5.82
C ARG B 90 -31.01 -21.63 -5.23
N THR B 91 -30.13 -20.97 -5.98
CA THR B 91 -28.77 -20.72 -5.55
C THR B 91 -28.63 -19.24 -5.24
N VAL B 92 -28.15 -18.94 -4.04
CA VAL B 92 -27.83 -17.58 -3.66
C VAL B 92 -26.32 -17.41 -3.86
N VAL B 93 -25.96 -16.40 -4.63
CA VAL B 93 -24.57 -16.03 -4.76
C VAL B 93 -24.43 -14.64 -4.15
N ASN B 94 -23.71 -14.56 -3.05
CA ASN B 94 -23.57 -13.29 -2.39
C ASN B 94 -22.22 -12.69 -2.71
N LEU B 95 -22.25 -11.53 -3.38
CA LEU B 95 -21.05 -10.84 -3.83
C LEU B 95 -20.81 -9.59 -3.00
N SER B 96 -21.08 -9.67 -1.69
CA SER B 96 -21.02 -8.54 -0.79
C SER B 96 -19.93 -8.72 0.25
N SER B 97 -19.43 -7.58 0.75
CA SER B 97 -18.43 -7.54 1.80
C SER B 97 -19.07 -7.86 3.15
N ASP B 98 -18.38 -8.70 3.95
CA ASP B 98 -18.71 -8.90 5.36
C ASP B 98 -17.60 -9.75 5.97
N THR B 99 -17.74 -10.13 7.23
CA THR B 99 -16.75 -10.99 7.86
C THR B 99 -16.92 -12.43 7.37
N PRO B 100 -15.85 -13.24 7.43
CA PRO B 100 -15.92 -14.66 7.09
C PRO B 100 -16.96 -15.44 7.89
N ASP B 101 -17.16 -15.11 9.18
CA ASP B 101 -18.07 -15.86 10.02
C ASP B 101 -19.51 -15.40 9.82
N ARG B 102 -19.70 -14.15 9.42
CA ARG B 102 -21.02 -13.72 8.96
C ARG B 102 -21.44 -14.54 7.74
N THR B 103 -20.49 -14.67 6.82
CA THR B 103 -20.68 -15.40 5.58
C THR B 103 -21.03 -16.86 5.86
N ARG B 104 -20.28 -17.50 6.75
CA ARG B 104 -20.49 -18.91 7.05
C ARG B 104 -21.88 -19.19 7.65
N ALA B 105 -22.31 -18.35 8.61
CA ALA B 105 -23.64 -18.45 9.15
C ALA B 105 -24.69 -18.21 8.07
N ALA B 106 -24.44 -17.29 7.12
CA ALA B 106 -25.41 -16.99 6.07
C ALA B 106 -25.61 -18.20 5.15
N ALA B 107 -24.53 -18.91 4.88
CA ALA B 107 -24.60 -20.12 4.07
C ALA B 107 -25.51 -21.14 4.73
N ASP B 108 -25.41 -21.28 6.07
CA ASP B 108 -26.26 -22.24 6.77
C ASP B 108 -27.72 -21.76 6.77
N TRP B 109 -27.91 -20.45 6.85
CA TRP B 109 -29.23 -19.85 6.74
C TRP B 109 -29.86 -20.16 5.39
N ALA B 110 -29.07 -20.07 4.32
CA ALA B 110 -29.57 -20.42 3.02
C ALA B 110 -29.97 -21.90 2.98
N THR B 111 -29.11 -22.79 3.49
CA THR B 111 -29.39 -24.21 3.50
C THR B 111 -30.68 -24.53 4.24
N GLU B 112 -30.90 -23.85 5.38
CA GLU B 112 -32.11 -24.09 6.17
C GLU B 112 -33.38 -23.72 5.41
N HIS B 113 -33.27 -22.72 4.51
CA HIS B 113 -34.37 -22.31 3.65
C HIS B 113 -34.36 -23.04 2.30
N GLY B 114 -33.54 -24.09 2.17
CA GLY B 114 -33.63 -25.02 1.05
C GLY B 114 -32.86 -24.58 -0.18
N ALA B 115 -32.02 -23.53 -0.02
CA ALA B 115 -31.23 -22.98 -1.11
C ALA B 115 -29.78 -23.42 -0.98
N THR B 116 -29.05 -23.34 -2.10
CA THR B 116 -27.61 -23.46 -2.09
C THR B 116 -27.03 -22.06 -2.02
N PHE B 117 -25.75 -21.99 -1.68
CA PHE B 117 -25.09 -20.73 -1.36
C PHE B 117 -23.66 -20.79 -1.88
N LEU B 118 -23.27 -19.71 -2.57
CA LEU B 118 -21.88 -19.49 -2.94
C LEU B 118 -21.44 -18.11 -2.50
N THR B 119 -20.22 -18.05 -1.97
CA THR B 119 -19.58 -16.79 -1.62
C THR B 119 -18.78 -16.27 -2.82
N GLY B 120 -18.90 -14.98 -3.15
CA GLY B 120 -18.01 -14.36 -4.11
C GLY B 120 -17.46 -13.04 -3.59
N GLY B 121 -16.21 -12.72 -3.94
CA GLY B 121 -15.63 -11.40 -3.75
C GLY B 121 -15.08 -10.87 -5.07
N VAL B 122 -15.71 -9.77 -5.54
CA VAL B 122 -15.40 -9.21 -6.84
C VAL B 122 -14.21 -8.28 -6.68
N MET B 123 -13.17 -8.49 -7.51
CA MET B 123 -11.85 -7.95 -7.18
C MET B 123 -11.46 -6.73 -8.01
N ILE B 124 -12.41 -6.14 -8.74
CA ILE B 124 -12.14 -4.99 -9.59
C ILE B 124 -13.29 -3.99 -9.43
N PRO B 125 -13.09 -2.70 -9.77
CA PRO B 125 -14.16 -1.72 -9.65
C PRO B 125 -15.15 -1.89 -10.79
N ALA B 126 -16.25 -1.14 -10.77
CA ALA B 126 -17.42 -1.39 -11.62
C ALA B 126 -17.09 -1.27 -13.10
N PRO B 127 -16.30 -0.26 -13.56
CA PRO B 127 -15.99 -0.15 -14.98
C PRO B 127 -15.21 -1.34 -15.56
N MET B 128 -14.53 -2.12 -14.70
CA MET B 128 -13.75 -3.25 -15.15
C MET B 128 -14.55 -4.54 -15.10
N VAL B 129 -15.78 -4.50 -14.56
CA VAL B 129 -16.63 -5.70 -14.53
C VAL B 129 -16.84 -6.22 -15.95
N GLY B 130 -16.66 -7.53 -16.11
CA GLY B 130 -16.95 -8.20 -17.36
C GLY B 130 -15.86 -8.01 -18.41
N THR B 131 -14.71 -7.47 -18.02
CA THR B 131 -13.58 -7.30 -18.91
C THR B 131 -12.56 -8.39 -18.61
N GLU B 132 -11.51 -8.45 -19.42
CA GLU B 132 -10.46 -9.47 -19.35
C GLU B 132 -9.64 -9.30 -18.07
N GLU B 133 -9.68 -8.13 -17.44
CA GLU B 133 -8.93 -7.92 -16.21
C GLU B 133 -9.78 -8.24 -14.98
N ALA B 134 -11.09 -8.52 -15.16
CA ALA B 134 -11.94 -8.87 -14.03
C ALA B 134 -11.65 -10.27 -13.52
N TYR B 135 -11.79 -10.42 -12.19
CA TYR B 135 -11.76 -11.74 -11.59
C TYR B 135 -12.53 -11.68 -10.29
N VAL B 136 -12.99 -12.85 -9.84
CA VAL B 136 -13.85 -12.98 -8.67
C VAL B 136 -13.43 -14.23 -7.92
N TYR B 137 -13.25 -14.10 -6.59
CA TYR B 137 -13.02 -15.26 -5.76
C TYR B 137 -14.35 -15.91 -5.45
N TYR B 138 -14.36 -17.23 -5.46
CA TYR B 138 -15.53 -17.99 -5.08
C TYR B 138 -15.12 -19.06 -4.08
N SER B 139 -16.07 -19.38 -3.19
CA SER B 139 -15.90 -20.52 -2.29
C SER B 139 -17.28 -21.03 -1.85
N GLY B 140 -17.34 -22.31 -1.48
CA GLY B 140 -18.62 -22.98 -1.27
C GLY B 140 -18.64 -24.33 -1.98
N PRO B 141 -19.81 -25.01 -2.08
CA PRO B 141 -19.89 -26.34 -2.68
C PRO B 141 -19.36 -26.38 -4.11
N ALA B 142 -18.44 -27.30 -4.41
CA ALA B 142 -17.89 -27.42 -5.76
C ALA B 142 -19.01 -27.60 -6.79
N GLU B 143 -20.01 -28.42 -6.44
CA GLU B 143 -21.07 -28.79 -7.36
C GLU B 143 -21.91 -27.56 -7.70
N VAL B 144 -22.11 -26.66 -6.74
CA VAL B 144 -22.93 -25.47 -6.96
C VAL B 144 -22.16 -24.46 -7.82
N PHE B 145 -20.85 -24.35 -7.59
CA PHE B 145 -19.97 -23.53 -8.42
C PHE B 145 -19.97 -24.06 -9.84
N GLU B 146 -19.87 -25.38 -10.03
CA GLU B 146 -19.80 -25.92 -11.40
C GLU B 146 -21.11 -25.64 -12.13
N LYS B 147 -22.24 -25.82 -11.44
CA LYS B 147 -23.54 -25.60 -12.04
C LYS B 147 -23.66 -24.19 -12.64
N HIS B 148 -23.09 -23.17 -11.98
CA HIS B 148 -23.35 -21.79 -12.38
C HIS B 148 -22.11 -21.13 -12.98
N ARG B 149 -21.03 -21.90 -13.15
CA ARG B 149 -19.74 -21.32 -13.46
C ARG B 149 -19.82 -20.48 -14.73
N THR B 150 -20.54 -20.97 -15.73
CA THR B 150 -20.53 -20.35 -17.05
C THR B 150 -21.31 -19.03 -16.99
N THR B 151 -22.32 -18.93 -16.12
CA THR B 151 -23.01 -17.67 -15.94
C THR B 151 -22.10 -16.70 -15.19
N LEU B 152 -21.50 -17.18 -14.12
CA LEU B 152 -20.67 -16.34 -13.26
C LEU B 152 -19.46 -15.77 -14.03
N THR B 153 -18.97 -16.52 -15.02
CA THR B 153 -17.77 -16.08 -15.73
C THR B 153 -17.99 -14.75 -16.46
N VAL B 154 -19.27 -14.43 -16.75
CA VAL B 154 -19.61 -13.18 -17.43
C VAL B 154 -19.08 -11.98 -16.64
N ILE B 155 -19.10 -12.09 -15.32
CA ILE B 155 -18.72 -10.99 -14.44
C ILE B 155 -17.20 -10.85 -14.37
N GLY B 156 -16.49 -11.98 -14.36
CA GLY B 156 -15.04 -11.98 -14.27
C GLY B 156 -14.53 -13.41 -14.15
N ALA B 157 -13.23 -13.61 -14.40
CA ALA B 157 -12.65 -14.93 -14.31
C ALA B 157 -12.83 -15.46 -12.89
N PRO B 158 -13.45 -16.65 -12.68
CA PRO B 158 -13.59 -17.20 -11.34
C PRO B 158 -12.27 -17.77 -10.82
N ARG B 159 -12.00 -17.54 -9.54
CA ARG B 159 -10.91 -18.20 -8.82
C ARG B 159 -11.54 -18.93 -7.65
N TYR B 160 -11.83 -20.22 -7.88
CA TYR B 160 -12.51 -21.02 -6.90
C TYR B 160 -11.50 -21.47 -5.86
N LEU B 161 -11.83 -21.29 -4.56
CA LEU B 161 -10.86 -21.48 -3.50
C LEU B 161 -11.14 -22.73 -2.67
N GLY B 162 -12.33 -23.30 -2.82
CA GLY B 162 -12.66 -24.51 -2.10
C GLY B 162 -14.00 -24.40 -1.37
N GLU B 163 -14.20 -25.35 -0.46
CA GLU B 163 -15.52 -25.66 0.07
C GLU B 163 -15.96 -24.73 1.20
N ASP B 164 -14.99 -24.09 1.88
CA ASP B 164 -15.31 -23.25 3.01
C ASP B 164 -15.91 -21.96 2.51
N THR B 165 -17.20 -21.76 2.79
CA THR B 165 -17.91 -20.55 2.34
C THR B 165 -17.26 -19.27 2.86
N GLY B 166 -16.57 -19.35 4.00
CA GLY B 166 -15.85 -18.22 4.56
C GLY B 166 -14.60 -17.81 3.79
N LEU B 167 -14.02 -18.70 2.98
CA LEU B 167 -12.66 -18.50 2.50
C LEU B 167 -12.62 -17.43 1.41
N ALA B 168 -13.58 -17.40 0.50
CA ALA B 168 -13.56 -16.35 -0.50
C ALA B 168 -13.77 -14.98 0.18
N GLN B 169 -14.52 -14.97 1.28
CA GLN B 169 -14.75 -13.74 2.02
C GLN B 169 -13.48 -13.35 2.76
N LEU B 170 -12.78 -14.32 3.39
CA LEU B 170 -11.49 -14.02 3.99
C LEU B 170 -10.50 -13.50 2.96
N MET B 171 -10.47 -14.07 1.75
CA MET B 171 -9.57 -13.60 0.72
C MET B 171 -9.93 -12.17 0.35
N TYR B 172 -11.23 -11.88 0.23
CA TYR B 172 -11.67 -10.54 -0.14
C TYR B 172 -11.25 -9.55 0.95
N GLN B 173 -11.49 -9.88 2.24
CA GLN B 173 -11.09 -8.99 3.31
C GLN B 173 -9.57 -8.80 3.32
N ALA B 174 -8.79 -9.84 2.98
CA ALA B 174 -7.34 -9.71 3.06
C ALA B 174 -6.86 -8.82 1.93
N GLN B 175 -7.48 -8.98 0.75
CA GLN B 175 -7.20 -8.13 -0.39
C GLN B 175 -7.57 -6.67 -0.11
N LEU B 176 -8.72 -6.44 0.53
CA LEU B 176 -9.16 -5.07 0.77
C LEU B 176 -8.38 -4.43 1.94
N ASP B 177 -7.88 -5.27 2.86
CA ASP B 177 -6.91 -4.88 3.86
C ASP B 177 -5.73 -4.20 3.18
N VAL B 178 -5.17 -4.85 2.16
CA VAL B 178 -4.03 -4.27 1.48
C VAL B 178 -4.47 -3.02 0.71
N PHE B 179 -5.57 -3.13 -0.05
CA PHE B 179 -6.01 -2.05 -0.92
C PHE B 179 -6.38 -0.81 -0.11
N LEU B 180 -7.23 -0.96 0.93
CA LEU B 180 -7.66 0.19 1.70
C LEU B 180 -6.50 0.79 2.48
N THR B 181 -5.61 -0.06 3.03
CA THR B 181 -4.49 0.45 3.79
C THR B 181 -3.56 1.22 2.85
N THR B 182 -3.31 0.68 1.65
CA THR B 182 -2.52 1.37 0.66
C THR B 182 -3.14 2.74 0.34
N LEU B 183 -4.44 2.78 0.11
CA LEU B 183 -5.11 4.03 -0.22
C LEU B 183 -5.01 5.03 0.93
N SER B 184 -5.20 4.57 2.18
CA SER B 184 -5.08 5.43 3.35
C SER B 184 -3.67 6.05 3.42
N SER B 185 -2.67 5.23 3.11
CA SER B 185 -1.29 5.70 3.14
C SER B 185 -1.06 6.73 2.03
N LEU B 186 -1.62 6.53 0.83
CA LEU B 186 -1.55 7.53 -0.22
C LEU B 186 -2.12 8.87 0.26
N MET B 187 -3.30 8.84 0.90
CA MET B 187 -3.89 10.07 1.39
C MET B 187 -3.05 10.63 2.55
N HIS B 188 -2.42 9.77 3.34
CA HIS B 188 -1.61 10.22 4.44
C HIS B 188 -0.37 10.95 3.92
N ALA B 189 0.28 10.39 2.90
CA ALA B 189 1.48 10.99 2.35
C ALA B 189 1.13 12.26 1.59
N THR B 190 0.02 12.23 0.86
CA THR B 190 -0.48 13.42 0.20
C THR B 190 -0.72 14.54 1.21
N ALA B 191 -1.35 14.21 2.35
CA ALA B 191 -1.55 15.18 3.41
C ALA B 191 -0.22 15.71 3.93
N LEU B 192 0.75 14.82 4.14
CA LEU B 192 2.02 15.23 4.72
C LEU B 192 2.72 16.22 3.79
N LEU B 193 2.73 15.95 2.48
CA LEU B 193 3.35 16.83 1.52
C LEU B 193 2.59 18.15 1.39
N GLY B 194 1.25 18.07 1.50
CA GLY B 194 0.39 19.23 1.42
C GLY B 194 0.70 20.24 2.52
N THR B 195 1.30 19.74 3.58
CA THR B 195 1.65 20.52 4.76
C THR B 195 2.82 21.46 4.44
N ALA B 196 3.62 21.18 3.40
CA ALA B 196 4.69 22.06 2.96
C ALA B 196 4.29 22.77 1.68
N GLY B 197 2.99 22.76 1.36
CA GLY B 197 2.47 23.48 0.20
C GLY B 197 2.52 22.70 -1.11
N VAL B 198 2.83 21.39 -1.07
CA VAL B 198 2.86 20.61 -2.29
C VAL B 198 1.44 20.16 -2.62
N SER B 199 1.04 20.42 -3.87
CA SER B 199 -0.26 20.06 -4.42
C SER B 199 -0.43 18.53 -4.40
N ALA B 200 -1.68 18.06 -4.24
CA ALA B 200 -1.98 16.65 -4.49
C ALA B 200 -1.74 16.28 -5.95
N ALA B 201 -1.98 17.24 -6.86
CA ALA B 201 -1.73 16.96 -8.28
C ALA B 201 -0.23 16.74 -8.53
N GLU B 202 0.63 17.32 -7.70
CA GLU B 202 2.06 17.11 -7.82
C GLU B 202 2.45 15.84 -7.05
N SER B 203 1.93 15.71 -5.82
CA SER B 203 2.23 14.60 -4.92
C SER B 203 1.84 13.23 -5.51
N MET B 204 0.57 13.10 -5.94
CA MET B 204 -0.01 11.78 -6.18
C MET B 204 0.71 11.05 -7.31
N PRO B 205 1.07 11.68 -8.45
CA PRO B 205 1.81 10.94 -9.49
C PRO B 205 3.19 10.45 -9.02
N GLU B 206 3.84 11.20 -8.11
CA GLU B 206 5.11 10.78 -7.54
C GLU B 206 4.90 9.53 -6.70
N LEU B 207 3.86 9.55 -5.85
CA LEU B 207 3.54 8.42 -4.98
C LEU B 207 3.09 7.20 -5.78
N ILE B 208 2.24 7.40 -6.79
CA ILE B 208 1.79 6.30 -7.63
C ILE B 208 2.97 5.74 -8.42
N GLY B 209 3.83 6.64 -8.90
CA GLY B 209 5.00 6.26 -9.67
C GLY B 209 5.83 5.25 -8.88
N MET B 210 6.01 5.53 -7.59
CA MET B 210 6.75 4.63 -6.70
C MET B 210 5.93 3.35 -6.49
N LEU B 211 4.61 3.49 -6.25
CA LEU B 211 3.78 2.35 -5.90
C LEU B 211 3.79 1.33 -7.02
N ARG B 212 3.81 1.82 -8.27
CA ARG B 212 3.81 0.99 -9.45
C ARG B 212 5.00 0.03 -9.44
N THR B 213 6.14 0.46 -8.86
CA THR B 213 7.35 -0.33 -8.86
C THR B 213 7.49 -1.21 -7.61
N VAL B 214 6.48 -1.28 -6.75
CA VAL B 214 6.67 -2.02 -5.49
C VAL B 214 6.86 -3.52 -5.72
N PRO B 215 6.02 -4.22 -6.52
CA PRO B 215 6.29 -5.63 -6.82
C PRO B 215 7.74 -5.86 -7.27
N ALA B 216 8.26 -4.96 -8.13
CA ALA B 216 9.63 -5.05 -8.62
C ALA B 216 10.64 -4.82 -7.49
N MET B 217 10.39 -3.81 -6.65
CA MET B 217 11.35 -3.48 -5.60
C MET B 217 11.42 -4.65 -4.62
N LEU B 218 10.30 -5.35 -4.43
CA LEU B 218 10.26 -6.51 -3.54
C LEU B 218 11.11 -7.64 -4.10
N GLU B 219 11.21 -7.74 -5.44
CA GLU B 219 11.89 -8.87 -6.04
C GLU B 219 13.36 -8.57 -6.34
N ALA B 220 13.81 -7.32 -6.10
CA ALA B 220 15.12 -6.85 -6.51
C ALA B 220 16.24 -7.76 -5.97
N PRO B 225 9.13 -13.58 -1.27
CA PRO B 225 8.90 -13.27 0.15
C PRO B 225 7.99 -14.30 0.81
N GLY B 226 7.02 -14.83 0.04
CA GLY B 226 6.06 -15.77 0.56
C GLY B 226 6.71 -17.05 1.09
N ALA B 227 7.51 -17.72 0.25
CA ALA B 227 8.17 -18.96 0.64
C ALA B 227 9.13 -18.71 1.80
N ASP B 228 9.81 -17.56 1.77
CA ASP B 228 10.71 -17.15 2.84
C ASP B 228 9.95 -17.00 4.15
N ILE B 229 8.78 -16.36 4.12
CA ILE B 229 7.94 -16.26 5.31
C ILE B 229 7.51 -17.65 5.79
N ASP B 230 7.20 -18.54 4.83
CA ASP B 230 6.83 -19.91 5.17
C ASP B 230 8.04 -20.65 5.76
N ALA B 231 9.23 -20.34 5.25
CA ALA B 231 10.45 -21.05 5.60
C ALA B 231 11.19 -20.36 6.75
N ASP B 232 10.62 -19.30 7.34
CA ASP B 232 11.30 -18.50 8.36
C ASP B 232 12.60 -17.88 7.88
N LYS B 233 12.75 -17.68 6.57
CA LYS B 233 13.92 -17.00 6.04
C LYS B 233 13.66 -15.50 6.07
N HIS B 234 14.24 -14.81 7.08
CA HIS B 234 14.10 -13.39 7.23
C HIS B 234 15.46 -12.71 7.31
N PRO B 235 16.39 -12.90 6.35
CA PRO B 235 17.75 -12.36 6.48
C PRO B 235 17.81 -10.90 6.04
N GLY B 236 18.56 -10.11 6.82
CA GLY B 236 18.56 -8.66 6.68
C GLY B 236 19.83 -8.16 5.99
N ASP B 237 20.13 -8.72 4.82
CA ASP B 237 21.30 -8.30 4.07
C ASP B 237 21.05 -6.89 3.53
N LEU B 238 19.92 -6.70 2.84
CA LEU B 238 19.77 -5.53 1.97
C LEU B 238 18.88 -4.46 2.62
N SER B 239 18.25 -4.81 3.74
CA SER B 239 17.38 -3.90 4.45
C SER B 239 17.00 -4.54 5.77
N THR B 240 17.29 -3.86 6.87
CA THR B 240 17.03 -4.41 8.19
C THR B 240 15.85 -3.71 8.81
N ILE B 241 15.21 -4.43 9.73
CA ILE B 241 14.16 -3.89 10.58
C ILE B 241 14.68 -2.69 11.37
N THR B 242 15.94 -2.71 11.81
CA THR B 242 16.46 -1.53 12.47
C THR B 242 16.34 -0.27 11.61
N MET B 243 16.70 -0.43 10.33
CA MET B 243 16.83 0.70 9.44
C MET B 243 15.43 1.15 9.03
N MET B 244 14.55 0.19 8.81
CA MET B 244 13.21 0.51 8.35
C MET B 244 12.35 1.03 9.50
N GLY B 245 12.61 0.50 10.69
CA GLY B 245 12.03 1.00 11.93
C GLY B 245 12.39 2.45 12.20
N ALA B 246 13.65 2.83 11.91
CA ALA B 246 14.09 4.21 12.07
C ALA B 246 13.27 5.10 11.15
N THR B 247 13.14 4.72 9.88
CA THR B 247 12.30 5.48 8.95
C THR B 247 10.85 5.55 9.48
N ALA B 248 10.32 4.44 10.04
CA ALA B 248 8.96 4.48 10.59
C ALA B 248 8.89 5.52 11.69
N ASP B 249 9.92 5.61 12.53
CA ASP B 249 10.04 6.64 13.56
C ASP B 249 10.03 8.06 12.96
N HIS B 250 10.71 8.23 11.82
CA HIS B 250 10.89 9.53 11.19
C HIS B 250 9.56 9.98 10.58
N ILE B 251 8.78 9.02 10.07
CA ILE B 251 7.47 9.32 9.52
C ILE B 251 6.54 9.78 10.66
N VAL B 252 6.53 9.06 11.78
CA VAL B 252 5.75 9.48 12.94
C VAL B 252 6.13 10.90 13.33
N GLY B 253 7.44 11.15 13.45
CA GLY B 253 7.94 12.47 13.83
C GLY B 253 7.54 13.55 12.85
N ALA B 254 7.71 13.29 11.56
CA ALA B 254 7.32 14.24 10.56
C ALA B 254 5.80 14.48 10.62
N SER B 255 5.02 13.43 10.93
CA SER B 255 3.57 13.49 10.99
C SER B 255 3.14 14.32 12.19
N GLU B 256 3.79 14.09 13.32
CA GLU B 256 3.55 14.87 14.53
C GLU B 256 3.70 16.36 14.20
N THR B 257 4.83 16.69 13.55
CA THR B 257 5.18 18.07 13.28
C THR B 257 4.23 18.67 12.22
N ALA B 258 3.72 17.83 11.31
CA ALA B 258 2.79 18.25 10.28
C ALA B 258 1.36 18.41 10.79
N GLY B 259 1.08 17.85 11.96
CA GLY B 259 -0.23 17.92 12.58
C GLY B 259 -1.27 17.01 11.90
N ILE B 260 -0.83 15.87 11.37
CA ILE B 260 -1.75 14.95 10.69
C ILE B 260 -1.92 13.67 11.52
N ASP B 261 -2.82 12.81 11.03
CA ASP B 261 -3.17 11.58 11.73
C ASP B 261 -1.88 10.88 12.10
N LEU B 262 -1.78 10.51 13.39
CA LEU B 262 -0.68 9.70 13.88
C LEU B 262 -1.03 8.20 14.00
N ALA B 263 -2.31 7.83 13.94
CA ALA B 263 -2.65 6.44 14.20
C ALA B 263 -2.09 5.52 13.13
N LEU B 264 -2.25 5.91 11.86
CA LEU B 264 -1.73 5.06 10.80
C LEU B 264 -0.22 4.87 10.90
N PRO B 265 0.63 5.93 10.87
CA PRO B 265 2.08 5.69 10.98
C PRO B 265 2.48 5.01 12.29
N ARG B 266 1.78 5.29 13.39
CA ARG B 266 2.11 4.62 14.64
C ARG B 266 1.84 3.12 14.59
N ALA B 267 0.84 2.67 13.81
CA ALA B 267 0.58 1.25 13.71
C ALA B 267 1.74 0.57 12.99
N VAL B 268 2.29 1.25 11.99
CA VAL B 268 3.43 0.76 11.23
C VAL B 268 4.68 0.79 12.10
N GLN B 269 4.89 1.90 12.80
CA GLN B 269 6.01 2.01 13.73
C GLN B 269 5.99 0.87 14.73
N ALA B 270 4.79 0.51 15.20
CA ALA B 270 4.67 -0.56 16.21
C ALA B 270 5.11 -1.91 15.68
N HIS B 271 4.88 -2.15 14.38
CA HIS B 271 5.29 -3.43 13.79
C HIS B 271 6.80 -3.58 13.96
N TYR B 272 7.54 -2.49 13.71
CA TYR B 272 8.99 -2.51 13.78
C TYR B 272 9.46 -2.54 15.23
N ARG B 273 8.87 -1.74 16.11
CA ARG B 273 9.27 -1.69 17.49
C ARG B 273 9.19 -3.08 18.10
N ARG B 274 8.08 -3.76 17.82
CA ARG B 274 7.83 -5.09 18.37
C ARG B 274 8.92 -6.05 17.93
N ALA B 275 9.27 -6.01 16.65
CA ALA B 275 10.24 -6.95 16.12
C ALA B 275 11.61 -6.73 16.77
N ILE B 276 11.94 -5.46 17.04
CA ILE B 276 13.23 -5.11 17.64
C ILE B 276 13.20 -5.55 19.11
N GLU B 277 12.10 -5.23 19.78
CA GLU B 277 11.87 -5.68 21.15
C GLU B 277 12.06 -7.18 21.29
N ASN B 278 11.55 -7.97 20.32
CA ASN B 278 11.68 -9.42 20.35
C ASN B 278 13.06 -9.89 19.84
N GLY B 279 13.94 -8.95 19.50
CA GLY B 279 15.34 -9.26 19.22
C GLY B 279 15.65 -9.56 17.75
N HIS B 280 14.87 -9.03 16.81
CA HIS B 280 15.02 -9.35 15.39
C HIS B 280 15.29 -8.08 14.56
N GLY B 281 15.89 -7.06 15.17
CA GLY B 281 16.27 -5.85 14.45
C GLY B 281 17.13 -6.12 13.20
N GLY B 282 17.97 -7.15 13.29
CA GLY B 282 18.86 -7.51 12.18
C GLY B 282 18.15 -8.17 11.00
N ASP B 283 16.87 -8.54 11.16
CA ASP B 283 16.16 -9.30 10.15
C ASP B 283 15.55 -8.41 9.06
N ASN B 284 15.14 -9.08 7.99
CA ASN B 284 14.38 -8.46 6.90
C ASN B 284 13.00 -8.05 7.41
N TRP B 285 12.37 -7.11 6.70
CA TRP B 285 11.09 -6.53 7.11
C TRP B 285 9.96 -7.56 7.22
N THR B 286 10.04 -8.69 6.51
CA THR B 286 9.01 -9.72 6.55
C THR B 286 8.83 -10.26 7.97
N ARG B 287 9.85 -10.09 8.82
CA ARG B 287 9.81 -10.53 10.20
C ARG B 287 8.73 -9.82 11.02
N ILE B 288 8.22 -8.67 10.56
CA ILE B 288 7.18 -8.01 11.32
C ILE B 288 5.91 -8.87 11.42
N ILE B 289 5.76 -9.86 10.52
CA ILE B 289 4.57 -10.71 10.55
C ILE B 289 4.43 -11.48 11.86
N ASP B 290 5.54 -11.80 12.54
CA ASP B 290 5.45 -12.54 13.79
C ASP B 290 4.69 -11.74 14.87
N GLY B 291 5.04 -10.46 15.07
CA GLY B 291 4.31 -9.62 16.00
C GLY B 291 2.86 -9.36 15.56
N ILE B 292 2.65 -9.27 14.24
CA ILE B 292 1.31 -9.06 13.74
C ILE B 292 0.42 -10.26 14.09
N ARG B 293 0.99 -11.46 14.02
CA ARG B 293 0.24 -12.68 14.29
C ARG B 293 -0.02 -12.85 15.78
N SER B 294 0.81 -12.23 16.62
CA SER B 294 0.74 -12.40 18.07
C SER B 294 0.74 -11.05 18.75
N PRO B 295 -0.37 -10.28 18.70
CA PRO B 295 -0.45 -8.99 19.38
C PRO B 295 -0.36 -9.16 20.91
#